data_7S69
#
_entry.id   7S69
#
_cell.length_a   50.317
_cell.length_b   61.684
_cell.length_c   163.029
_cell.angle_alpha   90.000
_cell.angle_beta   90.000
_cell.angle_gamma   90.000
#
_symmetry.space_group_name_H-M   'P 21 21 21'
#
loop_
_entity.id
_entity.type
_entity.pdbx_description
1 polymer 'N-acetylglucosamine-1-phosphotransferase gamma subunit'
2 branched alpha-D-mannopyranose-(1-3)-alpha-D-mannopyranose-(1-6)-[alpha-D-mannopyranose-(1-3)]beta-D-mannopyranose-(1-4)-2-acetamido-2-deoxy-beta-D-glucopyranose-(1-4)-2-acetamido-2-deoxy-beta-D-glucopyranose
3 branched alpha-D-mannopyranose-(1-2)-alpha-D-mannopyranose-(1-6)-[alpha-D-mannopyranose-(1-3)]alpha-D-mannopyranose-(1-6)-[alpha-D-mannopyranose-(1-2)-alpha-D-mannopyranose-(1-3)]beta-D-mannopyranose-(1-4)-2-acetamido-2-deoxy-beta-D-glucopyranose-(1-4)-2-acetamido-2-deoxy-beta-D-glucopyranose
4 non-polymer 'CHLORIDE ION'
5 water water
#
_entity_poly.entity_id   1
_entity_poly.type   'polypeptide(L)'
_entity_poly.pdbx_seq_one_letter_code
;DRHHHHHHKLGKMKIVEEPNSFGLNNPFLSQTNKLQPRVQPSPVSGPSHLFRLAGKCFNLVESTYKYELCPFHNVTQHEQ
TFRWNAYSGILGIWQEWDIENNTFSGMWMREGDSCGNKNRQTKVLLVCGKANKLSSVSEPSTCLYSLTFETPLVCHPHSL
LVYPTLSEGLQEKWNEAEQALYDELITEQGHGKILKEIFREAGYLKTTKPDGEGKETQDKPKEFDSLEKCNKGYTELTSE
IQRLKKMLNEHGISYVTNGTSRSEGQPAEVNTTFARGEDKVHLRGDTGIRDGQ
;
_entity_poly.pdbx_strand_id   A,B
#
# COMPACT_ATOMS: atom_id res chain seq x y z
N LYS A 34 -14.01 -0.77 38.07
CA LYS A 34 -13.04 0.31 37.88
C LYS A 34 -11.66 -0.27 38.18
N LEU A 35 -10.81 -0.32 37.16
CA LEU A 35 -9.50 -0.96 37.24
C LEU A 35 -8.36 0.04 37.08
N GLN A 36 -7.21 -0.29 37.68
CA GLN A 36 -6.01 0.53 37.60
C GLN A 36 -5.02 -0.13 36.66
N PRO A 37 -4.62 0.52 35.57
CA PRO A 37 -3.58 -0.05 34.70
C PRO A 37 -2.18 0.16 35.24
N ARG A 38 -1.33 -0.85 34.98
CA ARG A 38 0.03 -0.84 35.51
C ARG A 38 0.95 0.10 34.73
N VAL A 39 0.78 0.20 33.41
CA VAL A 39 1.54 1.11 32.58
C VAL A 39 0.58 1.82 31.62
N GLN A 40 1.11 2.83 30.93
CA GLN A 40 0.26 3.54 29.98
C GLN A 40 0.48 3.01 28.56
N PRO A 41 -0.55 3.10 27.72
CA PRO A 41 -0.42 2.59 26.34
C PRO A 41 0.63 3.35 25.54
N SER A 42 1.28 2.63 24.63
CA SER A 42 2.23 3.23 23.73
C SER A 42 1.50 4.18 22.79
N PRO A 43 2.23 5.02 22.07
CA PRO A 43 1.58 5.97 21.16
C PRO A 43 0.87 5.25 20.02
N VAL A 44 -0.23 5.85 19.55
CA VAL A 44 -0.90 5.33 18.37
C VAL A 44 0.07 5.41 17.20
N SER A 45 0.21 4.29 16.49
CA SER A 45 1.20 4.20 15.42
C SER A 45 0.77 3.12 14.45
N GLY A 46 1.25 3.23 13.21
CA GLY A 46 0.94 2.27 12.18
C GLY A 46 0.14 2.88 11.05
N PRO A 47 -0.74 2.09 10.43
CA PRO A 47 -1.53 2.61 9.31
C PRO A 47 -2.38 3.80 9.74
N SER A 48 -2.36 4.84 8.92
CA SER A 48 -3.04 6.08 9.29
C SER A 48 -4.54 5.87 9.44
N HIS A 49 -5.15 5.15 8.51
CA HIS A 49 -6.61 5.00 8.51
C HIS A 49 -7.12 4.17 9.69
N LEU A 50 -6.26 3.47 10.41
CA LEU A 50 -6.68 2.74 11.59
C LEU A 50 -6.71 3.62 12.85
N PHE A 51 -6.10 4.80 12.80
CA PHE A 51 -6.00 5.62 14.01
C PHE A 51 -7.39 5.99 14.52
N ARG A 52 -8.39 6.03 13.64
CA ARG A 52 -9.73 6.39 14.09
C ARG A 52 -10.24 5.44 15.16
N LEU A 53 -9.69 4.22 15.24
CA LEU A 53 -10.15 3.25 16.22
C LEU A 53 -9.69 3.58 17.64
N ALA A 54 -8.67 4.40 17.80
CA ALA A 54 -8.18 4.72 19.12
C ALA A 54 -9.25 5.52 19.87
N GLY A 55 -9.46 5.15 21.14
CA GLY A 55 -10.48 5.76 21.94
C GLY A 55 -11.86 5.15 21.80
N LYS A 56 -12.04 4.19 20.91
CA LYS A 56 -13.29 3.45 20.80
C LYS A 56 -13.14 2.11 21.53
N CYS A 57 -14.27 1.54 21.92
CA CYS A 57 -14.27 0.28 22.65
C CYS A 57 -15.42 -0.61 22.16
N PHE A 58 -15.10 -1.87 21.89
CA PHE A 58 -16.07 -2.86 21.46
C PHE A 58 -16.00 -4.04 22.41
N ASN A 59 -17.14 -4.69 22.62
CA ASN A 59 -17.22 -5.76 23.62
C ASN A 59 -17.96 -6.97 23.06
N LEU A 60 -17.60 -8.13 23.61
CA LEU A 60 -18.23 -9.42 23.31
C LEU A 60 -18.65 -10.07 24.61
N VAL A 61 -19.91 -10.52 24.68
CA VAL A 61 -20.44 -11.16 25.87
C VAL A 61 -20.53 -12.67 25.63
N GLU A 62 -19.61 -13.41 26.24
CA GLU A 62 -19.72 -14.85 26.33
C GLU A 62 -20.55 -15.23 27.56
N SER A 63 -20.83 -16.53 27.69
CA SER A 63 -21.61 -17.00 28.84
C SER A 63 -20.86 -16.76 30.15
N THR A 64 -19.56 -17.07 30.16
CA THR A 64 -18.78 -16.92 31.39
C THR A 64 -18.34 -15.48 31.61
N TYR A 65 -17.57 -14.92 30.68
CA TYR A 65 -16.99 -13.60 30.81
C TYR A 65 -17.54 -12.64 29.75
N LYS A 66 -17.19 -11.37 29.95
CA LYS A 66 -17.47 -10.29 28.99
C LYS A 66 -16.16 -9.54 28.76
N TYR A 67 -15.73 -9.46 27.51
CA TYR A 67 -14.47 -8.84 27.14
C TYR A 67 -14.73 -7.50 26.46
N GLU A 68 -13.86 -6.54 26.69
CA GLU A 68 -13.87 -5.28 25.96
C GLU A 68 -12.48 -5.05 25.36
N LEU A 69 -12.45 -4.61 24.11
CA LEU A 69 -11.23 -4.22 23.43
C LEU A 69 -11.32 -2.74 23.12
N CYS A 70 -10.37 -1.97 23.66
CA CYS A 70 -10.24 -0.55 23.33
C CYS A 70 -8.95 -0.39 22.54
N PRO A 71 -9.01 -0.41 21.22
CA PRO A 71 -7.79 -0.47 20.41
C PRO A 71 -6.82 0.65 20.76
N PHE A 72 -5.53 0.33 20.70
CA PHE A 72 -4.45 1.24 21.04
C PHE A 72 -4.46 1.63 22.52
N HIS A 73 -5.17 0.88 23.35
CA HIS A 73 -5.25 1.22 24.75
C HIS A 73 -5.18 -0.01 25.65
N ASN A 74 -6.27 -0.77 25.76
CA ASN A 74 -6.34 -1.81 26.78
C ASN A 74 -7.35 -2.87 26.37
N VAL A 75 -7.31 -3.99 27.10
CA VAL A 75 -8.28 -5.06 27.00
C VAL A 75 -8.65 -5.48 28.42
N THR A 76 -9.93 -5.78 28.65
CA THR A 76 -10.41 -6.08 29.99
C THR A 76 -11.55 -7.10 29.91
N GLN A 77 -11.64 -7.94 30.95
CA GLN A 77 -12.70 -8.92 31.07
C GLN A 77 -13.37 -8.79 32.43
N HIS A 78 -14.67 -9.14 32.47
CA HIS A 78 -15.49 -8.99 33.68
C HIS A 78 -16.32 -10.27 33.82
N GLU A 79 -15.89 -11.15 34.72
CA GLU A 79 -16.62 -12.39 34.97
C GLU A 79 -18.07 -12.11 35.37
N GLN A 80 -18.99 -12.76 34.68
CA GLN A 80 -20.41 -12.53 34.88
C GLN A 80 -21.07 -13.73 35.54
N THR A 81 -20.47 -14.21 36.63
CA THR A 81 -21.08 -15.19 37.51
C THR A 81 -21.95 -14.54 38.58
N PHE A 82 -21.80 -13.25 38.81
CA PHE A 82 -22.61 -12.48 39.75
C PHE A 82 -22.37 -12.88 41.21
N ARG A 83 -21.29 -13.62 41.49
CA ARG A 83 -20.88 -13.80 42.87
C ARG A 83 -20.10 -12.57 43.34
N TRP A 84 -19.88 -12.48 44.66
CA TRP A 84 -19.38 -11.23 45.22
C TRP A 84 -17.92 -10.97 44.85
N ASN A 85 -17.11 -12.02 44.71
CA ASN A 85 -15.70 -11.91 44.36
C ASN A 85 -15.46 -12.05 42.86
N ALA A 86 -16.47 -11.81 42.03
CA ALA A 86 -16.33 -12.01 40.59
C ALA A 86 -15.13 -11.25 40.05
N TYR A 87 -14.37 -11.92 39.20
CA TYR A 87 -13.12 -11.36 38.69
C TYR A 87 -13.35 -10.24 37.69
N SER A 88 -12.52 -9.20 37.79
CA SER A 88 -12.42 -8.17 36.75
C SER A 88 -10.95 -7.81 36.67
N GLY A 89 -10.36 -7.97 35.48
CA GLY A 89 -8.94 -7.78 35.31
C GLY A 89 -8.61 -7.13 33.98
N ILE A 90 -7.37 -6.66 33.89
CA ILE A 90 -6.81 -6.09 32.68
C ILE A 90 -5.93 -7.14 32.03
N LEU A 91 -6.22 -7.46 30.77
CA LEU A 91 -5.47 -8.49 30.06
C LEU A 91 -4.22 -7.96 29.39
N GLY A 92 -4.22 -6.70 28.95
CA GLY A 92 -3.02 -6.14 28.33
C GLY A 92 -3.17 -4.66 28.05
N ILE A 93 -2.04 -4.03 27.79
CA ILE A 93 -1.96 -2.61 27.48
C ILE A 93 -1.19 -2.46 26.16
N TRP A 94 -1.77 -1.70 25.23
CA TRP A 94 -1.13 -1.50 23.93
C TRP A 94 0.34 -1.14 24.13
N GLN A 95 1.22 -1.93 23.53
CA GLN A 95 2.65 -1.81 23.77
C GLN A 95 3.41 -1.72 22.46
N GLU A 96 3.28 -2.75 21.62
CA GLU A 96 3.99 -2.79 20.36
C GLU A 96 3.18 -3.58 19.35
N TRP A 97 3.63 -3.55 18.10
CA TRP A 97 3.04 -4.31 17.02
C TRP A 97 3.73 -5.67 16.90
N ASP A 98 3.10 -6.58 16.18
CA ASP A 98 3.71 -7.83 15.77
C ASP A 98 3.86 -7.82 14.26
N ILE A 99 5.07 -7.63 13.78
CA ILE A 99 5.35 -7.52 12.35
C ILE A 99 5.95 -8.83 11.88
N GLU A 100 5.29 -9.47 10.92
CA GLU A 100 5.71 -10.75 10.37
C GLU A 100 5.46 -10.73 8.88
N ASN A 101 6.52 -10.94 8.09
CA ASN A 101 6.42 -11.04 6.63
C ASN A 101 6.08 -9.69 6.00
N ASN A 102 6.67 -8.62 6.51
CA ASN A 102 6.50 -7.26 6.01
C ASN A 102 5.08 -6.73 6.19
N THR A 103 4.33 -7.32 7.10
CA THR A 103 2.96 -6.89 7.38
C THR A 103 2.77 -6.78 8.89
N PHE A 104 1.66 -6.18 9.29
CA PHE A 104 1.29 -6.12 10.69
C PHE A 104 0.52 -7.39 11.02
N SER A 105 1.13 -8.28 11.81
CA SER A 105 0.51 -9.55 12.13
C SER A 105 -0.59 -9.38 13.17
N GLY A 106 -0.32 -8.62 14.23
CA GLY A 106 -1.31 -8.37 15.26
C GLY A 106 -0.85 -7.23 16.13
N MET A 107 -1.69 -6.90 17.12
CA MET A 107 -1.39 -5.88 18.11
C MET A 107 -1.09 -6.55 19.44
N TRP A 108 0.05 -6.18 20.03
CA TRP A 108 0.47 -6.79 21.29
C TRP A 108 0.00 -5.92 22.45
N MET A 109 -0.72 -6.54 23.39
CA MET A 109 -1.22 -5.89 24.60
C MET A 109 -0.57 -6.62 25.76
N ARG A 110 0.24 -5.90 26.55
CA ARG A 110 1.09 -6.54 27.55
C ARG A 110 0.99 -5.77 28.86
N GLU A 111 1.51 -6.40 29.92
CA GLU A 111 1.63 -5.77 31.23
C GLU A 111 0.25 -5.57 31.88
N GLY A 112 -0.60 -6.58 31.82
CA GLY A 112 -1.86 -6.57 32.53
C GLY A 112 -1.69 -7.03 33.96
N ASP A 113 -2.83 -7.34 34.59
CA ASP A 113 -2.80 -7.89 35.93
C ASP A 113 -1.96 -9.17 35.94
N SER A 114 -1.39 -9.48 37.09
CA SER A 114 -0.48 -10.60 37.23
C SER A 114 -1.21 -11.86 37.67
N CYS A 115 -0.84 -12.99 37.06
CA CYS A 115 -1.36 -14.29 37.45
C CYS A 115 -0.50 -14.96 38.51
N GLY A 116 0.75 -14.51 38.67
CA GLY A 116 1.65 -15.06 39.65
C GLY A 116 3.06 -14.61 39.35
N ASN A 117 3.79 -15.43 38.60
CA ASN A 117 5.13 -15.06 38.18
C ASN A 117 5.14 -14.17 36.94
N LYS A 118 3.99 -13.97 36.30
CA LYS A 118 3.93 -13.33 35.00
C LYS A 118 2.71 -12.41 34.91
N ASN A 119 2.79 -11.47 33.97
CA ASN A 119 1.71 -10.54 33.70
C ASN A 119 0.92 -11.01 32.49
N ARG A 120 -0.39 -10.80 32.52
CA ARG A 120 -1.23 -11.24 31.42
C ARG A 120 -0.90 -10.49 30.13
N GLN A 121 -1.05 -11.19 29.01
CA GLN A 121 -0.78 -10.64 27.68
C GLN A 121 -1.94 -10.95 26.76
N THR A 122 -2.06 -10.14 25.70
CA THR A 122 -3.09 -10.37 24.68
C THR A 122 -2.55 -9.97 23.32
N LYS A 123 -2.78 -10.80 22.32
CA LYS A 123 -2.47 -10.50 20.93
C LYS A 123 -3.79 -10.30 20.20
N VAL A 124 -4.05 -9.07 19.77
CA VAL A 124 -5.24 -8.75 19.00
C VAL A 124 -4.92 -9.00 17.53
N LEU A 125 -5.83 -9.70 16.84
CA LEU A 125 -5.68 -10.00 15.42
C LEU A 125 -6.74 -9.25 14.64
N LEU A 126 -6.33 -8.65 13.51
CA LEU A 126 -7.21 -7.83 12.69
C LEU A 126 -7.62 -8.62 11.45
N VAL A 127 -8.94 -8.75 11.25
CA VAL A 127 -9.49 -9.57 10.19
C VAL A 127 -10.52 -8.76 9.40
N CYS A 128 -10.66 -9.09 8.12
CA CYS A 128 -11.70 -8.48 7.30
C CYS A 128 -13.08 -8.86 7.83
N GLY A 129 -13.88 -7.85 8.16
CA GLY A 129 -15.25 -8.07 8.56
C GLY A 129 -16.12 -6.94 8.03
N LYS A 130 -17.43 -7.20 8.01
CA LYS A 130 -18.36 -6.19 7.52
C LYS A 130 -18.36 -4.95 8.41
N ALA A 131 -18.18 -5.13 9.72
CA ALA A 131 -18.23 -4.01 10.65
C ALA A 131 -17.31 -4.27 11.84
N ASN A 132 -16.89 -3.18 12.48
CA ASN A 132 -16.07 -3.25 13.68
C ASN A 132 -16.75 -4.11 14.73
N LYS A 133 -16.22 -5.31 14.99
CA LYS A 133 -16.86 -6.24 15.90
C LYS A 133 -15.80 -7.08 16.59
N LEU A 134 -15.95 -7.26 17.90
CA LEU A 134 -15.13 -8.22 18.62
C LEU A 134 -15.77 -9.59 18.47
N SER A 135 -15.11 -10.49 17.72
CA SER A 135 -15.74 -11.72 17.27
C SER A 135 -15.48 -12.92 18.18
N SER A 136 -14.26 -13.04 18.72
CA SER A 136 -13.92 -14.21 19.51
C SER A 136 -12.83 -13.88 20.51
N VAL A 137 -12.73 -14.73 21.53
CA VAL A 137 -11.65 -14.67 22.52
C VAL A 137 -11.30 -16.10 22.89
N SER A 138 -10.01 -16.34 23.10
CA SER A 138 -9.52 -17.68 23.39
C SER A 138 -8.33 -17.56 24.34
N GLU A 139 -7.98 -18.69 24.95
CA GLU A 139 -6.93 -18.75 25.96
C GLU A 139 -5.99 -19.90 25.64
N PRO A 140 -5.06 -19.70 24.71
CA PRO A 140 -4.12 -20.79 24.39
C PRO A 140 -3.38 -21.33 25.61
N SER A 141 -2.73 -20.44 26.36
CA SER A 141 -2.12 -20.79 27.64
C SER A 141 -2.75 -19.93 28.72
N THR A 142 -2.83 -20.47 29.93
CA THR A 142 -3.43 -19.71 31.01
C THR A 142 -2.74 -18.36 31.13
N CYS A 143 -3.54 -17.29 31.06
CA CYS A 143 -3.08 -15.91 31.18
C CYS A 143 -2.39 -15.40 29.93
N LEU A 144 -2.56 -16.09 28.79
CA LEU A 144 -2.16 -15.59 27.48
C LEU A 144 -3.37 -15.74 26.55
N TYR A 145 -3.73 -14.68 25.84
CA TYR A 145 -4.97 -14.65 25.09
C TYR A 145 -4.75 -14.29 23.63
N SER A 146 -5.65 -14.78 22.79
CA SER A 146 -5.70 -14.47 21.36
C SER A 146 -7.08 -13.90 21.06
N LEU A 147 -7.11 -12.62 20.72
CA LEU A 147 -8.35 -11.89 20.51
C LEU A 147 -8.49 -11.56 19.03
N THR A 148 -9.63 -11.92 18.43
CA THR A 148 -9.87 -11.70 17.02
C THR A 148 -10.83 -10.52 16.85
N PHE A 149 -10.39 -9.49 16.13
CA PHE A 149 -11.14 -8.26 15.93
C PHE A 149 -11.47 -8.10 14.45
N GLU A 150 -12.77 -8.08 14.14
CA GLU A 150 -13.23 -7.83 12.77
C GLU A 150 -13.40 -6.33 12.54
N THR A 151 -12.88 -5.85 11.42
CA THR A 151 -13.08 -4.49 10.98
C THR A 151 -12.99 -4.47 9.46
N PRO A 152 -13.69 -3.56 8.79
CA PRO A 152 -13.60 -3.52 7.32
C PRO A 152 -12.39 -2.80 6.80
N LEU A 153 -11.64 -2.09 7.66
CA LEU A 153 -10.48 -1.33 7.25
C LEU A 153 -9.31 -2.20 6.82
N VAL A 154 -9.40 -3.51 7.01
CA VAL A 154 -8.33 -4.45 6.69
C VAL A 154 -8.69 -5.33 5.52
N CYS A 155 -9.84 -5.10 4.87
CA CYS A 155 -10.30 -6.01 3.84
C CYS A 155 -9.45 -5.90 2.59
N HIS A 156 -8.83 -4.75 2.37
CA HIS A 156 -7.91 -4.67 1.26
C HIS A 156 -6.58 -5.34 1.62
N PRO A 157 -5.98 -6.11 0.71
CA PRO A 157 -4.76 -6.84 1.07
C PRO A 157 -3.61 -5.95 1.51
N HIS A 158 -3.45 -4.78 0.89
CA HIS A 158 -2.32 -3.91 1.17
C HIS A 158 -2.57 -2.97 2.34
N SER A 159 -3.63 -3.18 3.11
CA SER A 159 -3.94 -2.26 4.19
C SER A 159 -3.01 -2.42 5.38
N LEU A 160 -2.52 -3.63 5.64
CA LEU A 160 -1.65 -3.88 6.77
C LEU A 160 -0.19 -4.00 6.37
N LEU A 161 0.16 -3.68 5.12
CA LEU A 161 1.57 -3.57 4.76
C LEU A 161 2.22 -2.45 5.57
N VAL A 162 3.44 -2.69 6.02
CA VAL A 162 4.12 -1.73 6.87
C VAL A 162 4.95 -0.72 6.07
N TYR A 163 5.29 -1.02 4.81
CA TYR A 163 6.09 -0.09 4.03
C TYR A 163 5.38 1.23 3.77
N PRO A 164 4.11 1.27 3.38
CA PRO A 164 3.46 2.57 3.13
C PRO A 164 3.29 3.42 4.39
N THR A 165 3.30 2.81 5.58
CA THR A 165 3.11 3.56 6.82
C THR A 165 4.36 4.32 7.26
N LEU A 166 5.52 4.03 6.67
CA LEU A 166 6.78 4.60 7.10
C LEU A 166 6.99 5.99 6.53
N SER A 167 7.81 6.78 7.24
CA SER A 167 8.19 8.10 6.78
C SER A 167 8.99 8.00 5.49
N GLU A 168 9.06 9.13 4.78
CA GLU A 168 9.80 9.17 3.51
C GLU A 168 11.28 8.84 3.71
N GLY A 169 11.83 9.14 4.88
CA GLY A 169 13.22 8.85 5.15
C GLY A 169 13.49 7.39 5.45
N LEU A 170 12.64 6.78 6.29
CA LEU A 170 12.82 5.37 6.62
C LEU A 170 12.53 4.47 5.41
N GLN A 171 11.69 4.92 4.48
CA GLN A 171 11.54 4.17 3.24
C GLN A 171 12.86 4.11 2.47
N GLU A 172 13.57 5.24 2.41
CA GLU A 172 14.88 5.23 1.77
C GLU A 172 15.80 4.19 2.40
N LYS A 173 15.86 4.17 3.74
CA LYS A 173 16.71 3.19 4.41
C LYS A 173 16.32 1.77 4.01
N TRP A 174 15.02 1.53 3.85
CA TRP A 174 14.56 0.21 3.41
C TRP A 174 14.88 -0.02 1.94
N ASN A 175 14.61 0.98 1.10
CA ASN A 175 14.95 0.87 -0.32
C ASN A 175 16.42 0.50 -0.51
N GLU A 176 17.31 1.21 0.17
CA GLU A 176 18.74 0.94 0.04
C GLU A 176 19.08 -0.47 0.53
N ALA A 177 18.34 -0.98 1.52
CA ALA A 177 18.62 -2.30 2.06
C ALA A 177 18.15 -3.41 1.11
N GLU A 178 16.98 -3.24 0.50
CA GLU A 178 16.50 -4.23 -0.46
C GLU A 178 17.41 -4.31 -1.67
N GLN A 179 17.81 -3.16 -2.22
CA GLN A 179 18.70 -3.17 -3.37
C GLN A 179 20.06 -3.76 -2.97
N ALA A 180 20.59 -3.35 -1.81
CA ALA A 180 21.88 -3.87 -1.36
C ALA A 180 21.82 -5.39 -1.18
N LEU A 181 20.68 -5.91 -0.72
CA LEU A 181 20.55 -7.36 -0.59
C LEU A 181 20.49 -8.02 -1.97
N TYR A 182 19.80 -7.37 -2.92
CA TYR A 182 19.75 -7.89 -4.28
C TYR A 182 21.13 -7.84 -4.94
N ASP A 183 21.89 -6.77 -4.68
CA ASP A 183 23.25 -6.64 -5.17
C ASP A 183 24.22 -7.54 -4.43
N GLU A 184 23.75 -8.31 -3.45
CA GLU A 184 24.60 -9.23 -2.68
C GLU A 184 25.73 -8.48 -1.97
N LEU A 185 25.45 -7.24 -1.54
CA LEU A 185 26.35 -6.52 -0.67
C LEU A 185 26.11 -6.80 0.80
N ILE A 186 24.90 -7.27 1.16
CA ILE A 186 24.60 -7.70 2.51
C ILE A 186 23.87 -9.04 2.44
N THR A 187 23.84 -9.72 3.57
CA THR A 187 23.22 -11.03 3.68
C THR A 187 21.76 -10.91 4.09
N GLU A 188 20.99 -11.97 3.83
CA GLU A 188 19.61 -12.00 4.31
C GLU A 188 19.56 -11.79 5.81
N GLN A 189 20.61 -12.20 6.53
CA GLN A 189 20.68 -11.96 7.96
C GLN A 189 20.88 -10.48 8.26
N GLY A 190 21.86 -9.86 7.58
CA GLY A 190 22.07 -8.43 7.77
C GLY A 190 20.88 -7.60 7.35
N HIS A 191 20.16 -8.05 6.32
CA HIS A 191 18.94 -7.36 5.91
C HIS A 191 17.87 -7.44 7.00
N GLY A 192 17.68 -8.63 7.57
CA GLY A 192 16.70 -8.79 8.64
C GLY A 192 16.95 -7.84 9.80
N LYS A 193 18.22 -7.63 10.14
CA LYS A 193 18.56 -6.71 11.22
C LYS A 193 18.12 -5.28 10.89
N ILE A 194 18.36 -4.84 9.65
CA ILE A 194 18.05 -3.46 9.29
C ILE A 194 16.56 -3.20 9.41
N LEU A 195 15.73 -4.18 9.06
CA LEU A 195 14.29 -3.96 9.13
C LEU A 195 13.84 -3.73 10.58
N LYS A 196 14.38 -4.51 11.52
CA LYS A 196 14.05 -4.30 12.92
C LYS A 196 14.53 -2.94 13.41
N GLU A 197 15.66 -2.45 12.89
CA GLU A 197 16.09 -1.10 13.24
C GLU A 197 15.08 -0.06 12.77
N ILE A 198 14.55 -0.25 11.56
CA ILE A 198 13.55 0.68 11.04
C ILE A 198 12.28 0.64 11.89
N PHE A 199 11.74 -0.56 12.08
CA PHE A 199 10.49 -0.69 12.83
C PHE A 199 10.63 -0.11 14.22
N ARG A 200 11.80 -0.28 14.85
CA ARG A 200 12.00 0.29 16.18
C ARG A 200 12.00 1.82 16.14
N GLU A 201 12.64 2.42 15.14
CA GLU A 201 12.65 3.88 15.05
C GLU A 201 11.23 4.42 14.89
N ALA A 202 10.41 3.79 14.05
CA ALA A 202 9.05 4.25 13.84
C ALA A 202 8.19 4.11 15.09
N GLY A 203 8.57 3.24 16.01
CA GLY A 203 7.78 3.00 17.20
C GLY A 203 6.88 1.79 17.13
N TYR A 204 6.98 1.01 16.05
CA TYR A 204 6.12 -0.17 15.93
C TYR A 204 6.56 -1.28 16.88
N LEU A 205 7.83 -1.29 17.25
CA LEU A 205 8.35 -2.22 18.25
C LEU A 205 8.91 -1.39 19.39
N LYS A 206 8.50 -1.69 20.62
CA LYS A 206 9.08 -0.99 21.76
C LYS A 206 10.50 -1.50 22.00
N THR A 207 11.33 -0.66 22.57
CA THR A 207 12.73 -1.01 22.76
C THR A 207 13.38 -0.16 23.84
N LYS B 34 8.71 21.45 -35.86
CA LYS B 34 7.50 21.84 -35.17
C LYS B 34 6.43 20.76 -35.19
N LEU B 35 6.11 20.23 -34.01
CA LEU B 35 5.11 19.19 -33.84
C LEU B 35 3.99 19.76 -32.98
N GLN B 36 2.74 19.40 -33.29
CA GLN B 36 1.60 19.85 -32.50
C GLN B 36 0.97 18.67 -31.78
N PRO B 37 0.88 18.68 -30.45
CA PRO B 37 0.11 17.62 -29.78
C PRO B 37 -1.39 17.86 -29.94
N ARG B 38 -2.13 16.77 -30.07
CA ARG B 38 -3.55 16.89 -30.34
C ARG B 38 -4.31 17.37 -29.11
N VAL B 39 -3.88 16.91 -27.93
CA VAL B 39 -4.50 17.28 -26.67
C VAL B 39 -3.39 17.62 -25.68
N GLN B 40 -3.78 18.10 -24.54
CA GLN B 40 -2.80 18.42 -23.52
C GLN B 40 -2.62 17.24 -22.57
N PRO B 41 -1.42 17.06 -22.03
CA PRO B 41 -1.22 15.94 -21.10
C PRO B 41 -2.07 16.13 -19.85
N SER B 42 -2.57 15.01 -19.33
CA SER B 42 -3.39 15.04 -18.13
C SER B 42 -2.53 15.47 -16.94
N PRO B 43 -3.17 15.82 -15.82
CA PRO B 43 -2.40 16.25 -14.66
C PRO B 43 -1.56 15.12 -14.09
N VAL B 44 -0.42 15.50 -13.50
CA VAL B 44 0.40 14.55 -12.79
C VAL B 44 -0.42 13.94 -11.66
N SER B 45 -0.39 12.62 -11.55
CA SER B 45 -1.19 11.92 -10.57
C SER B 45 -0.52 10.59 -10.27
N GLY B 46 -0.79 10.07 -9.07
CA GLY B 46 -0.24 8.79 -8.65
C GLY B 46 0.69 8.93 -7.47
N PRO B 47 1.69 8.05 -7.40
CA PRO B 47 2.64 8.10 -6.27
C PRO B 47 3.41 9.40 -6.23
N SER B 48 3.56 9.95 -5.03
CA SER B 48 4.19 11.25 -4.87
C SER B 48 5.65 11.23 -5.34
N HIS B 49 6.37 10.18 -4.99
CA HIS B 49 7.80 10.14 -5.28
C HIS B 49 8.13 10.07 -6.77
N LEU B 50 7.13 9.80 -7.62
CA LEU B 50 7.36 9.80 -9.07
C LEU B 50 7.17 11.18 -9.71
N PHE B 51 6.56 12.13 -9.02
CA PHE B 51 6.26 13.41 -9.63
C PHE B 51 7.51 14.14 -10.10
N ARG B 52 8.64 13.92 -9.42
CA ARG B 52 9.87 14.63 -9.78
C ARG B 52 10.27 14.42 -11.23
N LEU B 53 9.78 13.36 -11.86
CA LEU B 53 10.15 13.08 -13.26
C LEU B 53 9.46 14.01 -14.24
N ALA B 54 8.41 14.71 -13.83
CA ALA B 54 7.70 15.58 -14.75
C ALA B 54 8.58 16.74 -15.19
N GLY B 55 8.53 17.04 -16.50
CA GLY B 55 9.36 18.08 -17.07
C GLY B 55 10.75 17.63 -17.44
N LYS B 56 11.13 16.40 -17.12
CA LYS B 56 12.39 15.83 -17.54
C LYS B 56 12.15 14.95 -18.77
N CYS B 57 13.22 14.73 -19.52
CA CYS B 57 13.13 13.95 -20.76
C CYS B 57 14.37 13.08 -20.88
N PHE B 58 14.16 11.80 -21.19
CA PHE B 58 15.22 10.82 -21.40
C PHE B 58 15.06 10.21 -22.77
N ASN B 59 16.17 9.83 -23.39
CA ASN B 59 16.14 9.35 -24.76
C ASN B 59 16.97 8.09 -24.94
N LEU B 60 16.59 7.31 -25.94
CA LEU B 60 17.29 6.11 -26.38
C LEU B 60 17.56 6.26 -27.86
N VAL B 61 18.81 6.04 -28.28
CA VAL B 61 19.19 6.17 -29.68
C VAL B 61 19.32 4.76 -30.25
N GLU B 62 18.34 4.36 -31.05
CA GLU B 62 18.49 3.18 -31.89
C GLU B 62 19.16 3.63 -33.19
N SER B 63 19.52 2.65 -34.03
CA SER B 63 20.16 3.00 -35.30
C SER B 63 19.20 3.76 -36.22
N THR B 64 17.96 3.30 -36.30
CA THR B 64 17.00 3.90 -37.23
C THR B 64 16.42 5.19 -36.65
N TYR B 65 15.75 5.10 -35.50
CA TYR B 65 15.07 6.22 -34.88
C TYR B 65 15.75 6.61 -33.57
N LYS B 66 15.31 7.74 -33.02
CA LYS B 66 15.73 8.20 -31.70
C LYS B 66 14.46 8.56 -30.92
N TYR B 67 14.28 7.94 -29.76
CA TYR B 67 13.07 8.13 -28.96
C TYR B 67 13.37 9.01 -27.75
N GLU B 68 12.39 9.84 -27.39
CA GLU B 68 12.43 10.62 -26.16
C GLU B 68 11.15 10.36 -25.38
N LEU B 69 11.31 10.16 -24.07
CA LEU B 69 10.18 10.05 -23.14
C LEU B 69 10.26 11.21 -22.17
N CYS B 70 9.21 12.03 -22.14
CA CYS B 70 9.09 13.10 -21.16
C CYS B 70 7.96 12.68 -20.22
N PRO B 71 8.26 12.02 -19.11
CA PRO B 71 7.20 11.41 -18.29
C PRO B 71 6.14 12.43 -17.91
N PHE B 72 4.90 11.95 -17.85
CA PHE B 72 3.72 12.77 -17.55
C PHE B 72 3.46 13.81 -18.63
N HIS B 73 4.05 13.62 -19.82
CA HIS B 73 3.89 14.59 -20.89
C HIS B 73 3.70 13.92 -22.25
N ASN B 74 4.76 13.42 -22.86
CA ASN B 74 4.69 12.98 -24.26
C ASN B 74 5.80 11.99 -24.55
N VAL B 75 5.68 11.34 -25.72
CA VAL B 75 6.69 10.46 -26.29
C VAL B 75 6.84 10.81 -27.77
N THR B 76 8.06 10.75 -28.27
CA THR B 76 8.34 11.16 -29.65
C THR B 76 9.47 10.33 -30.22
N GLN B 77 9.45 10.13 -31.55
CA GLN B 77 10.49 9.42 -32.26
C GLN B 77 11.01 10.30 -33.40
N HIS B 78 12.30 10.16 -33.70
CA HIS B 78 12.96 10.99 -34.69
C HIS B 78 13.89 10.14 -35.56
N GLU B 79 13.47 9.87 -36.80
CA GLU B 79 14.37 9.21 -37.73
C GLU B 79 15.63 10.05 -37.83
N GLN B 80 16.79 9.42 -37.69
CA GLN B 80 18.04 10.17 -37.61
C GLN B 80 18.85 10.07 -38.90
N THR B 81 18.18 10.38 -40.01
CA THR B 81 18.89 10.73 -41.23
C THR B 81 19.21 12.22 -41.29
N PHE B 82 18.50 13.03 -40.51
CA PHE B 82 18.72 14.46 -40.36
C PHE B 82 18.56 15.23 -41.68
N ARG B 83 17.89 14.61 -42.65
CA ARG B 83 17.45 15.31 -43.85
C ARG B 83 16.20 16.14 -43.54
N TRP B 84 15.82 16.99 -44.49
CA TRP B 84 14.75 17.95 -44.24
C TRP B 84 13.40 17.28 -44.10
N ASN B 85 13.15 16.18 -44.82
CA ASN B 85 11.89 15.46 -44.72
C ASN B 85 11.97 14.27 -43.77
N ALA B 86 13.00 14.23 -42.91
CA ALA B 86 13.15 13.14 -41.96
C ALA B 86 11.92 13.04 -41.06
N TYR B 87 11.50 11.82 -40.75
CA TYR B 87 10.28 11.65 -40.00
C TYR B 87 10.46 12.14 -38.57
N SER B 88 9.44 12.82 -38.06
CA SER B 88 9.31 13.18 -36.67
C SER B 88 7.85 13.08 -36.30
N GLY B 89 7.53 12.28 -35.28
CA GLY B 89 6.15 12.04 -34.92
C GLY B 89 6.00 11.97 -33.41
N ILE B 90 4.75 12.11 -32.97
CA ILE B 90 4.37 12.01 -31.57
C ILE B 90 3.73 10.65 -31.36
N LEU B 91 4.28 9.87 -30.43
CA LEU B 91 3.78 8.52 -30.17
C LEU B 91 2.65 8.49 -29.15
N GLY B 92 2.65 9.40 -28.19
CA GLY B 92 1.55 9.45 -27.23
C GLY B 92 1.67 10.65 -26.32
N ILE B 93 0.55 10.95 -25.66
CA ILE B 93 0.46 12.07 -24.72
C ILE B 93 -0.10 11.54 -23.41
N TRP B 94 0.56 11.86 -22.30
CA TRP B 94 0.16 11.35 -21.00
C TRP B 94 -1.34 11.50 -20.78
N GLN B 95 -2.01 10.39 -20.50
CA GLN B 95 -3.47 10.36 -20.48
C GLN B 95 -3.98 9.73 -19.19
N GLU B 96 -3.63 8.48 -18.94
CA GLU B 96 -4.10 7.76 -17.75
C GLU B 96 -3.10 6.68 -17.36
N TRP B 97 -3.36 6.05 -16.21
CA TRP B 97 -2.56 4.94 -15.72
C TRP B 97 -3.12 3.60 -16.21
N ASP B 98 -2.29 2.57 -16.09
CA ASP B 98 -2.70 1.18 -16.27
C ASP B 98 -2.54 0.50 -14.90
N ILE B 99 -3.66 0.23 -14.24
CA ILE B 99 -3.66 -0.36 -12.90
C ILE B 99 -4.07 -1.82 -13.03
N GLU B 100 -3.17 -2.71 -12.61
CA GLU B 100 -3.38 -4.15 -12.69
C GLU B 100 -2.81 -4.79 -11.44
N ASN B 101 -3.64 -5.56 -10.73
CA ASN B 101 -3.23 -6.30 -9.53
C ASN B 101 -3.01 -5.37 -8.34
N ASN B 102 -3.86 -4.36 -8.21
CA ASN B 102 -3.82 -3.40 -7.11
C ASN B 102 -2.53 -2.57 -7.12
N THR B 103 -1.88 -2.49 -8.27
CA THR B 103 -0.64 -1.74 -8.44
C THR B 103 -0.73 -0.92 -9.71
N PHE B 104 0.24 -0.02 -9.89
CA PHE B 104 0.40 0.74 -11.11
C PHE B 104 1.21 -0.07 -12.10
N SER B 105 0.57 -0.53 -13.18
CA SER B 105 1.23 -1.38 -14.15
C SER B 105 2.12 -0.58 -15.10
N GLY B 106 1.59 0.51 -15.66
CA GLY B 106 2.34 1.34 -16.58
C GLY B 106 1.63 2.66 -16.81
N MET B 107 2.24 3.49 -17.64
CA MET B 107 1.67 4.79 -18.01
C MET B 107 1.19 4.73 -19.45
N TRP B 108 -0.06 5.15 -19.66
CA TRP B 108 -0.67 5.12 -20.98
C TRP B 108 -0.54 6.48 -21.67
N MET B 109 0.02 6.47 -22.87
CA MET B 109 0.21 7.66 -23.70
C MET B 109 -0.58 7.48 -24.98
N ARG B 110 -1.55 8.37 -25.23
CA ARG B 110 -2.50 8.19 -26.31
C ARG B 110 -2.66 9.49 -27.09
N GLU B 111 -3.29 9.37 -28.27
CA GLU B 111 -3.64 10.49 -29.12
C GLU B 111 -2.40 11.13 -29.76
N GLY B 112 -1.53 10.28 -30.30
CA GLY B 112 -0.39 10.73 -31.07
C GLY B 112 -0.76 11.00 -32.52
N ASP B 113 0.27 11.10 -33.35
CA ASP B 113 0.05 11.27 -34.78
C ASP B 113 -0.80 10.11 -35.32
N SER B 114 -1.47 10.36 -36.43
CA SER B 114 -2.42 9.40 -36.98
C SER B 114 -1.72 8.50 -37.99
N CYS B 115 -2.02 7.20 -37.91
CA CYS B 115 -1.53 6.24 -38.88
C CYS B 115 -2.50 6.01 -40.02
N GLY B 116 -3.77 6.33 -39.82
CA GLY B 116 -4.80 6.19 -40.83
C GLY B 116 -6.14 6.21 -40.14
N ASN B 117 -6.63 5.03 -39.77
CA ASN B 117 -7.85 4.91 -39.00
C ASN B 117 -7.64 5.09 -37.50
N LYS B 118 -6.39 5.20 -37.04
CA LYS B 118 -6.11 5.20 -35.61
C LYS B 118 -4.95 6.14 -35.29
N ASN B 119 -4.91 6.58 -34.03
CA ASN B 119 -3.85 7.42 -33.51
C ASN B 119 -2.85 6.58 -32.73
N ARG B 120 -1.58 6.97 -32.82
CA ARG B 120 -0.52 6.20 -32.19
C ARG B 120 -0.68 6.20 -30.67
N GLN B 121 -0.26 5.09 -30.05
CA GLN B 121 -0.35 4.89 -28.61
C GLN B 121 0.99 4.37 -28.10
N THR B 122 1.23 4.57 -26.81
CA THR B 122 2.43 4.06 -26.17
C THR B 122 2.11 3.68 -24.74
N LYS B 123 2.56 2.50 -24.32
CA LYS B 123 2.46 2.07 -22.94
C LYS B 123 3.87 2.06 -22.35
N VAL B 124 4.12 2.96 -21.41
CA VAL B 124 5.40 3.04 -20.72
C VAL B 124 5.37 2.08 -19.53
N LEU B 125 6.40 1.27 -19.40
CA LEU B 125 6.53 0.30 -18.31
C LEU B 125 7.67 0.76 -17.40
N LEU B 126 7.42 0.72 -16.09
CA LEU B 126 8.40 1.19 -15.11
C LEU B 126 9.06 -0.01 -14.46
N VAL B 127 10.39 -0.06 -14.53
CA VAL B 127 11.17 -1.18 -14.04
C VAL B 127 12.25 -0.67 -13.10
N CYS B 128 12.62 -1.51 -12.15
CA CYS B 128 13.73 -1.18 -11.28
C CYS B 128 15.01 -1.08 -12.09
N GLY B 129 15.67 0.08 -11.98
CA GLY B 129 16.96 0.26 -12.60
C GLY B 129 17.84 1.10 -11.70
N LYS B 130 19.15 1.02 -11.97
CA LYS B 130 20.10 1.77 -11.15
C LYS B 130 19.90 3.27 -11.31
N ALA B 131 19.51 3.73 -12.50
CA ALA B 131 19.36 5.16 -12.74
C ALA B 131 18.26 5.39 -13.76
N ASN B 132 17.68 6.59 -13.71
CA ASN B 132 16.65 6.99 -14.67
C ASN B 132 17.17 6.81 -16.09
N LYS B 133 16.63 5.80 -16.79
CA LYS B 133 17.11 5.45 -18.12
C LYS B 133 15.95 4.92 -18.94
N LEU B 134 15.85 5.40 -20.18
CA LEU B 134 14.94 4.83 -21.14
C LEU B 134 15.61 3.62 -21.75
N SER B 135 15.08 2.42 -21.47
CA SER B 135 15.82 1.20 -21.74
C SER B 135 15.50 0.58 -23.10
N SER B 136 14.24 0.54 -23.51
CA SER B 136 13.90 -0.15 -24.75
C SER B 136 12.60 0.40 -25.33
N VAL B 137 12.41 0.13 -26.62
CA VAL B 137 11.19 0.48 -27.34
C VAL B 137 10.88 -0.64 -28.33
N SER B 138 9.59 -0.93 -28.51
CA SER B 138 9.17 -1.99 -29.41
C SER B 138 7.82 -1.61 -30.01
N GLU B 139 7.46 -2.30 -31.09
CA GLU B 139 6.23 -2.06 -31.83
C GLU B 139 5.53 -3.40 -32.04
N PRO B 140 4.83 -3.90 -31.03
CA PRO B 140 4.14 -5.20 -31.19
C PRO B 140 3.18 -5.21 -32.37
N SER B 141 2.25 -4.27 -32.42
CA SER B 141 1.37 -4.06 -33.56
C SER B 141 1.63 -2.65 -34.09
N THR B 142 1.48 -2.49 -35.40
CA THR B 142 1.78 -1.21 -36.03
C THR B 142 1.05 -0.06 -35.33
N CYS B 143 1.83 0.94 -34.92
CA CYS B 143 1.32 2.17 -34.29
C CYS B 143 0.89 1.95 -32.85
N LEU B 144 1.34 0.85 -32.24
CA LEU B 144 1.23 0.63 -30.80
C LEU B 144 2.63 0.29 -30.31
N TYR B 145 3.09 0.98 -29.27
CA TYR B 145 4.46 0.87 -28.83
C TYR B 145 4.49 0.50 -27.35
N SER B 146 5.55 -0.21 -26.96
CA SER B 146 5.80 -0.58 -25.57
C SER B 146 7.17 -0.03 -25.20
N LEU B 147 7.19 0.95 -24.30
CA LEU B 147 8.39 1.66 -23.92
C LEU B 147 8.74 1.28 -22.49
N THR B 148 9.99 0.84 -22.30
CA THR B 148 10.47 0.41 -20.99
C THR B 148 11.36 1.49 -20.40
N PHE B 149 10.99 2.00 -19.24
CA PHE B 149 11.73 3.07 -18.57
C PHE B 149 12.29 2.52 -17.27
N GLU B 150 13.62 2.51 -17.16
CA GLU B 150 14.29 2.09 -15.95
C GLU B 150 14.42 3.29 -15.01
N THR B 151 14.07 3.09 -13.76
CA THR B 151 14.23 4.12 -12.74
C THR B 151 14.40 3.44 -11.39
N PRO B 152 15.15 4.05 -10.48
CA PRO B 152 15.31 3.43 -9.14
C PRO B 152 14.15 3.70 -8.21
N LEU B 153 13.23 4.60 -8.57
CA LEU B 153 12.09 4.95 -7.73
C LEU B 153 11.06 3.84 -7.64
N VAL B 154 11.20 2.78 -8.44
CA VAL B 154 10.24 1.68 -8.51
C VAL B 154 10.84 0.39 -7.95
N CYS B 155 12.05 0.45 -7.39
CA CYS B 155 12.74 -0.77 -7.02
C CYS B 155 12.14 -1.48 -5.82
N HIS B 156 11.50 -0.74 -4.94
CA HIS B 156 10.83 -1.46 -3.86
C HIS B 156 9.50 -2.01 -4.37
N PRO B 157 9.16 -3.25 -4.02
CA PRO B 157 7.92 -3.84 -4.57
C PRO B 157 6.67 -3.05 -4.21
N HIS B 158 6.59 -2.55 -2.99
CA HIS B 158 5.41 -1.87 -2.49
C HIS B 158 5.43 -0.37 -2.77
N SER B 159 6.34 0.10 -3.63
CA SER B 159 6.41 1.52 -3.92
C SER B 159 5.28 1.97 -4.84
N LEU B 160 4.81 1.07 -5.70
CA LEU B 160 3.77 1.40 -6.68
C LEU B 160 2.39 0.91 -6.27
N LEU B 161 2.20 0.55 -5.00
CA LEU B 161 0.87 0.21 -4.53
C LEU B 161 -0.05 1.42 -4.68
N VAL B 162 -1.27 1.16 -5.16
CA VAL B 162 -2.20 2.26 -5.41
C VAL B 162 -3.11 2.56 -4.22
N TYR B 163 -3.25 1.64 -3.27
CA TYR B 163 -4.14 1.88 -2.14
C TYR B 163 -3.69 3.04 -1.26
N PRO B 164 -2.40 3.20 -0.91
CA PRO B 164 -2.01 4.29 -0.02
C PRO B 164 -2.18 5.68 -0.62
N THR B 165 -2.15 5.82 -1.94
CA THR B 165 -2.26 7.13 -2.58
C THR B 165 -3.69 7.66 -2.57
N LEU B 166 -4.67 6.81 -2.28
CA LEU B 166 -6.06 7.18 -2.36
C LEU B 166 -6.49 7.97 -1.12
N SER B 167 -7.52 8.79 -1.29
CA SER B 167 -8.07 9.53 -0.16
C SER B 167 -8.67 8.56 0.86
N GLU B 168 -8.85 9.05 2.08
CA GLU B 168 -9.40 8.21 3.14
C GLU B 168 -10.80 7.71 2.78
N GLY B 169 -11.54 8.47 2.00
CA GLY B 169 -12.87 8.08 1.58
C GLY B 169 -12.84 7.04 0.47
N LEU B 170 -11.97 7.25 -0.52
CA LEU B 170 -11.86 6.28 -1.60
C LEU B 170 -11.26 4.97 -1.09
N GLN B 171 -10.45 5.03 -0.04
CA GLN B 171 -10.03 3.80 0.63
C GLN B 171 -11.24 3.08 1.22
N GLU B 172 -12.11 3.83 1.89
CA GLU B 172 -13.34 3.24 2.42
C GLU B 172 -14.15 2.59 1.30
N LYS B 173 -14.34 3.31 0.19
CA LYS B 173 -15.10 2.76 -0.94
C LYS B 173 -14.47 1.47 -1.44
N TRP B 174 -13.14 1.39 -1.43
CA TRP B 174 -12.46 0.18 -1.88
C TRP B 174 -12.64 -0.97 -0.88
N ASN B 175 -12.40 -0.68 0.40
CA ASN B 175 -12.61 -1.71 1.43
C ASN B 175 -14.01 -2.32 1.31
N GLU B 176 -15.04 -1.47 1.22
CA GLU B 176 -16.41 -1.98 1.13
C GLU B 176 -16.60 -2.84 -0.12
N ALA B 177 -15.89 -2.54 -1.20
CA ALA B 177 -16.05 -3.31 -2.43
C ALA B 177 -15.40 -4.69 -2.30
N GLU B 178 -14.22 -4.76 -1.68
CA GLU B 178 -13.57 -6.04 -1.44
C GLU B 178 -14.40 -6.90 -0.50
N GLN B 179 -14.95 -6.28 0.55
CA GLN B 179 -15.82 -6.98 1.48
C GLN B 179 -17.09 -7.50 0.80
N ALA B 180 -17.74 -6.63 0.02
CA ALA B 180 -18.96 -7.06 -0.67
C ALA B 180 -18.69 -8.23 -1.61
N LEU B 181 -17.52 -8.24 -2.25
CA LEU B 181 -17.18 -9.34 -3.14
C LEU B 181 -16.98 -10.64 -2.38
N TYR B 182 -16.36 -10.56 -1.20
CA TYR B 182 -16.15 -11.79 -0.43
C TYR B 182 -17.48 -12.36 0.05
N ASP B 183 -18.42 -11.49 0.45
CA ASP B 183 -19.76 -11.95 0.82
C ASP B 183 -20.61 -12.37 -0.37
N GLU B 184 -20.08 -12.32 -1.59
CA GLU B 184 -20.82 -12.72 -2.78
C GLU B 184 -22.08 -11.87 -2.96
N LEU B 185 -22.00 -10.59 -2.59
CA LEU B 185 -23.05 -9.63 -2.91
C LEU B 185 -22.83 -8.99 -4.28
N ILE B 186 -21.59 -8.99 -4.79
CA ILE B 186 -21.29 -8.50 -6.11
C ILE B 186 -20.40 -9.51 -6.82
N THR B 187 -20.34 -9.39 -8.13
CA THR B 187 -19.56 -10.30 -8.96
C THR B 187 -18.15 -9.75 -9.17
N GLU B 188 -17.24 -10.66 -9.53
CA GLU B 188 -15.90 -10.22 -9.89
C GLU B 188 -15.95 -9.17 -10.99
N GLN B 189 -16.94 -9.27 -11.87
CA GLN B 189 -17.13 -8.26 -12.91
C GLN B 189 -17.65 -6.97 -12.31
N GLY B 190 -18.67 -7.04 -11.46
CA GLY B 190 -19.17 -5.85 -10.80
C GLY B 190 -18.12 -5.20 -9.94
N HIS B 191 -17.20 -5.99 -9.39
CA HIS B 191 -16.10 -5.43 -8.60
C HIS B 191 -15.19 -4.57 -9.47
N GLY B 192 -14.82 -5.07 -10.65
CA GLY B 192 -13.97 -4.30 -11.53
C GLY B 192 -14.55 -2.93 -11.87
N LYS B 193 -15.87 -2.88 -12.09
CA LYS B 193 -16.50 -1.60 -12.41
C LYS B 193 -16.39 -0.63 -11.24
N ILE B 194 -16.57 -1.11 -10.01
CA ILE B 194 -16.47 -0.21 -8.86
C ILE B 194 -15.05 0.34 -8.76
N LEU B 195 -14.05 -0.50 -9.05
CA LEU B 195 -12.67 -0.04 -8.95
C LEU B 195 -12.38 1.07 -9.98
N LYS B 196 -12.89 0.91 -11.20
CA LYS B 196 -12.68 1.96 -12.20
C LYS B 196 -13.34 3.25 -11.75
N GLU B 197 -14.47 3.17 -11.05
CA GLU B 197 -15.07 4.37 -10.47
C GLU B 197 -14.14 4.99 -9.44
N ILE B 198 -13.48 4.16 -8.62
CA ILE B 198 -12.54 4.68 -7.64
C ILE B 198 -11.35 5.34 -8.33
N PHE B 199 -10.68 4.60 -9.21
CA PHE B 199 -9.49 5.13 -9.88
C PHE B 199 -9.84 6.39 -10.67
N ARG B 200 -11.01 6.40 -11.31
CA ARG B 200 -11.44 7.56 -12.07
C ARG B 200 -11.65 8.76 -11.15
N GLU B 201 -12.29 8.53 -10.01
CA GLU B 201 -12.52 9.61 -9.05
C GLU B 201 -11.21 10.19 -8.55
N ALA B 202 -10.22 9.34 -8.28
CA ALA B 202 -8.92 9.81 -7.83
C ALA B 202 -8.19 10.60 -8.92
N GLY B 203 -8.56 10.40 -10.18
CA GLY B 203 -7.91 11.06 -11.29
C GLY B 203 -6.88 10.22 -12.02
N TYR B 204 -6.73 8.95 -11.65
CA TYR B 204 -5.78 8.07 -12.31
C TYR B 204 -6.25 7.63 -13.69
N LEU B 205 -7.55 7.65 -13.96
CA LEU B 205 -8.11 7.34 -15.26
C LEU B 205 -8.85 8.54 -15.83
N LYS B 206 -8.65 8.78 -17.12
CA LYS B 206 -9.33 9.86 -17.82
C LYS B 206 -10.82 9.55 -17.94
N THR B 207 -11.61 10.60 -18.16
CA THR B 207 -13.05 10.50 -18.17
C THR B 207 -13.69 11.60 -19.01
#